data_4OIH
#
_entry.id   4OIH
#
_cell.length_a   78.910
_cell.length_b   89.920
_cell.length_c   99.700
_cell.angle_alpha   90.00
_cell.angle_beta   90.00
_cell.angle_gamma   90.00
#
_symmetry.space_group_name_H-M   'P 21 21 21'
#
loop_
_entity.id
_entity.type
_entity.pdbx_description
1 polymer 'Importin subunit alpha-1'
2 polymer 'Guanine nucleotide exchange factor SRM1'
3 water water
#
loop_
_entity_poly.entity_id
_entity_poly.type
_entity_poly.pdbx_seq_one_letter_code
_entity_poly.pdbx_strand_id
1 'polypeptide(L)'
;NQGTVNWSVEDIVKGINSNNLESQLQATQAARKLLSREKQPPIDNIIRAGLIPKFVSFLGKTDCSPIQFESAWALTNIAS
GTSEQTKAVVDGGAIPAFISLLASPHAHISEQAVWALGNIAGDGSAFRDLVIKHGAIDPLLALLAVPDLSTLACGYLRNL
TWTLSNLCRNKNPAPPLDAVEQILPTLVRLLHHNDPEVLADSCWAISYLTDGPNERIEMVVKKGVVPQLVKLLGATELPI
VTPALRAIGNIVTGTDEQTQKVIDAGALAVFPSLLTNPKTNIQKEATWTMSNITAGRQDQIQQVVNHGLVPFLVGVLSKA
DFKTQKEAAWAITNYTSGGTVEQIVYLVHCGIIEPLMNLLSAKDTKIIQVILDAISNIFQAAEKLGETEKLSIMIEECGG
LDKIEALQRHENESVYKASLNLIEKYFSVEEEEDQNVVPETTSEGFAFQVQDGAPGTFNF
;
A
2 'polypeptide(L)' GSMVKRTVATNGDASGAHRAKKMSKTH B
#
# COMPACT_ATOMS: atom_id res chain seq x y z
N GLY A 3 33.29 4.06 -27.24
CA GLY A 3 34.51 3.76 -26.43
C GLY A 3 34.11 2.74 -25.36
N THR A 4 33.09 3.03 -24.57
CA THR A 4 32.68 2.09 -23.46
C THR A 4 31.34 1.35 -23.75
N VAL A 5 30.95 1.37 -25.04
CA VAL A 5 29.75 0.63 -25.52
C VAL A 5 30.08 -0.89 -25.72
N ASN A 6 29.29 -1.74 -25.06
CA ASN A 6 29.24 -3.12 -25.34
C ASN A 6 30.58 -3.82 -25.08
N TRP A 7 31.19 -3.60 -23.92
CA TRP A 7 32.45 -4.32 -23.61
C TRP A 7 32.02 -5.70 -23.19
N SER A 8 32.94 -6.64 -23.28
CA SER A 8 32.71 -7.95 -22.70
C SER A 8 33.09 -7.86 -21.21
N VAL A 9 32.62 -8.84 -20.43
CA VAL A 9 32.92 -8.92 -19.02
C VAL A 9 34.37 -9.10 -18.76
N GLU A 10 35.02 -9.92 -19.55
CA GLU A 10 36.44 -10.10 -19.36
C GLU A 10 37.25 -8.84 -19.66
N ASP A 11 36.84 -8.03 -20.62
CA ASP A 11 37.51 -6.70 -20.86
C ASP A 11 37.28 -5.78 -19.64
N ILE A 12 36.08 -5.82 -19.11
CA ILE A 12 35.78 -5.04 -17.86
C ILE A 12 36.70 -5.41 -16.77
N VAL A 13 36.87 -6.72 -16.61
CA VAL A 13 37.71 -7.23 -15.55
C VAL A 13 39.13 -6.84 -15.77
N LYS A 14 39.58 -7.01 -17.01
CA LYS A 14 40.97 -6.62 -17.29
C LYS A 14 41.25 -5.19 -16.95
N GLY A 15 40.35 -4.30 -17.33
CA GLY A 15 40.53 -2.87 -17.01
C GLY A 15 40.49 -2.59 -15.52
N ILE A 16 39.58 -3.25 -14.81
CA ILE A 16 39.41 -3.01 -13.37
C ILE A 16 40.62 -3.50 -12.57
N ASN A 17 41.23 -4.58 -13.00
CA ASN A 17 42.43 -5.07 -12.35
C ASN A 17 43.69 -4.43 -12.88
N SER A 18 43.66 -3.52 -13.86
CA SER A 18 44.88 -2.85 -14.32
C SER A 18 45.35 -2.06 -13.13
N ASN A 19 46.56 -1.65 -13.12
CA ASN A 19 46.82 -0.75 -11.98
C ASN A 19 46.62 0.79 -12.31
N ASN A 20 45.56 1.19 -13.00
CA ASN A 20 45.57 2.46 -13.68
C ASN A 20 44.21 2.98 -13.46
N LEU A 21 44.14 4.02 -12.63
CA LEU A 21 42.79 4.51 -12.20
C LEU A 21 41.91 4.92 -13.35
N GLU A 22 42.49 5.54 -14.40
CA GLU A 22 41.69 5.89 -15.60
C GLU A 22 41.27 4.68 -16.38
N SER A 23 42.12 3.70 -16.50
CA SER A 23 41.67 2.41 -17.11
C SER A 23 40.55 1.83 -16.28
N GLN A 24 40.69 1.98 -14.95
CA GLN A 24 39.65 1.43 -14.06
C GLN A 24 38.33 2.17 -14.19
N LEU A 25 38.41 3.49 -14.38
CA LEU A 25 37.24 4.32 -14.60
C LEU A 25 36.50 3.91 -15.87
N GLN A 26 37.28 3.72 -16.92
CA GLN A 26 36.67 3.39 -18.18
C GLN A 26 35.94 2.08 -18.10
N ALA A 27 36.65 1.11 -17.58
CA ALA A 27 36.06 -0.22 -17.43
C ALA A 27 34.82 -0.22 -16.52
N THR A 28 34.83 0.63 -15.51
CA THR A 28 33.65 0.75 -14.62
C THR A 28 32.46 1.35 -15.32
N GLN A 29 32.71 2.33 -16.16
CA GLN A 29 31.66 2.93 -16.89
C GLN A 29 31.16 1.91 -17.91
N ALA A 30 32.04 1.16 -18.54
CA ALA A 30 31.59 0.08 -19.43
C ALA A 30 30.68 -0.91 -18.70
N ALA A 31 31.02 -1.24 -17.46
CA ALA A 31 30.12 -2.09 -16.62
C ALA A 31 28.78 -1.41 -16.36
N ARG A 32 28.84 -0.11 -16.05
CA ARG A 32 27.62 0.62 -15.81
C ARG A 32 26.70 0.55 -17.06
N LYS A 33 27.28 0.67 -18.25
CA LYS A 33 26.46 0.64 -19.48
C LYS A 33 25.93 -0.74 -19.74
N LEU A 34 26.71 -1.80 -19.54
CA LEU A 34 26.17 -3.18 -19.59
C LEU A 34 25.02 -3.35 -18.65
N LEU A 35 25.21 -2.86 -17.44
CA LEU A 35 24.18 -3.07 -16.37
C LEU A 35 22.97 -2.20 -16.55
N SER A 36 23.04 -1.22 -17.43
CA SER A 36 21.97 -0.24 -17.71
C SER A 36 21.03 -0.65 -18.84
N ARG A 37 21.41 -1.64 -19.61
CA ARG A 37 20.64 -1.99 -20.78
C ARG A 37 19.33 -2.75 -20.37
N GLU A 38 18.32 -2.61 -21.24
CA GLU A 38 16.94 -3.01 -20.91
C GLU A 38 16.79 -4.52 -20.88
N LYS A 39 17.25 -5.19 -21.93
CA LYS A 39 17.15 -6.63 -21.97
C LYS A 39 18.33 -7.28 -21.26
N GLN A 40 17.99 -7.96 -20.19
CA GLN A 40 18.87 -8.99 -19.56
C GLN A 40 20.24 -8.54 -19.16
N PRO A 41 20.31 -7.47 -18.40
CA PRO A 41 21.65 -7.00 -17.96
C PRO A 41 22.40 -8.11 -17.29
N PRO A 42 23.67 -8.31 -17.60
CA PRO A 42 24.35 -9.50 -17.06
C PRO A 42 24.83 -9.33 -15.58
N ILE A 43 23.88 -9.21 -14.67
CA ILE A 43 24.19 -8.98 -13.27
C ILE A 43 24.97 -10.16 -12.73
N ASP A 44 24.50 -11.38 -13.01
CA ASP A 44 25.20 -12.56 -12.42
C ASP A 44 26.62 -12.70 -12.90
N ASN A 45 26.81 -12.40 -14.17
CA ASN A 45 28.18 -12.49 -14.73
C ASN A 45 29.13 -11.50 -14.09
N ILE A 46 28.63 -10.30 -13.84
CA ILE A 46 29.44 -9.29 -13.17
C ILE A 46 29.70 -9.72 -11.73
N ILE A 47 28.68 -10.20 -11.04
CA ILE A 47 28.91 -10.73 -9.66
C ILE A 47 29.94 -11.84 -9.70
N ARG A 48 29.74 -12.80 -10.57
CA ARG A 48 30.68 -13.95 -10.59
C ARG A 48 32.10 -13.56 -10.99
N ALA A 49 32.29 -12.46 -11.76
CA ALA A 49 33.65 -12.04 -12.11
C ALA A 49 34.29 -11.44 -10.87
N GLY A 50 33.58 -11.35 -9.75
CA GLY A 50 34.28 -10.88 -8.53
C GLY A 50 34.33 -9.32 -8.48
N LEU A 51 33.49 -8.63 -9.22
CA LEU A 51 33.68 -7.16 -9.35
C LEU A 51 33.09 -6.29 -8.21
N ILE A 52 32.16 -6.85 -7.43
CA ILE A 52 31.52 -6.05 -6.37
C ILE A 52 32.48 -5.42 -5.37
N PRO A 53 33.49 -6.16 -4.88
CA PRO A 53 34.45 -5.55 -3.96
C PRO A 53 35.25 -4.39 -4.55
N LYS A 54 35.59 -4.49 -5.82
CA LYS A 54 36.29 -3.39 -6.48
C LYS A 54 35.39 -2.16 -6.61
N PHE A 55 34.15 -2.34 -7.08
CA PHE A 55 33.16 -1.25 -7.13
C PHE A 55 33.05 -0.60 -5.79
N VAL A 56 32.86 -1.41 -4.77
CA VAL A 56 32.71 -0.87 -3.42
C VAL A 56 33.97 -0.07 -3.01
N SER A 57 35.20 -0.53 -3.32
CA SER A 57 36.38 0.29 -2.92
C SER A 57 36.36 1.56 -3.79
N PHE A 58 35.84 1.53 -5.03
CA PHE A 58 35.80 2.77 -5.82
C PHE A 58 34.85 3.82 -5.24
N LEU A 59 33.83 3.41 -4.49
CA LEU A 59 32.95 4.38 -3.88
C LEU A 59 33.72 5.31 -2.93
N GLY A 60 34.79 4.79 -2.33
CA GLY A 60 35.62 5.53 -1.38
C GLY A 60 36.64 6.42 -2.11
N LYS A 61 36.71 6.47 -3.44
CA LYS A 61 37.73 7.37 -4.08
C LYS A 61 37.34 8.81 -4.25
N THR A 62 37.35 9.53 -3.15
CA THR A 62 37.02 10.96 -3.09
C THR A 62 37.77 11.81 -4.12
N ASP A 63 39.01 11.46 -4.37
CA ASP A 63 39.85 12.11 -5.37
C ASP A 63 39.38 11.83 -6.79
N CYS A 64 38.49 10.86 -7.02
CA CYS A 64 38.02 10.57 -8.43
C CYS A 64 36.47 10.41 -8.49
N SER A 65 35.79 11.55 -8.49
CA SER A 65 34.35 11.63 -8.42
C SER A 65 33.65 10.84 -9.54
N PRO A 66 34.18 10.84 -10.78
CA PRO A 66 33.49 10.09 -11.78
C PRO A 66 33.50 8.54 -11.49
N ILE A 67 34.55 7.96 -10.93
CA ILE A 67 34.54 6.52 -10.70
C ILE A 67 33.59 6.23 -9.50
N GLN A 68 33.45 7.21 -8.59
CA GLN A 68 32.47 7.03 -7.51
C GLN A 68 31.08 6.90 -8.13
N PHE A 69 30.78 7.79 -9.05
CA PHE A 69 29.50 7.83 -9.73
C PHE A 69 29.23 6.59 -10.56
N GLU A 70 30.18 6.17 -11.41
CA GLU A 70 30.00 4.98 -12.22
C GLU A 70 29.86 3.74 -11.35
N SER A 71 30.65 3.63 -10.30
CA SER A 71 30.57 2.45 -9.43
C SER A 71 29.26 2.47 -8.66
N ALA A 72 28.85 3.66 -8.20
CA ALA A 72 27.54 3.75 -7.53
C ALA A 72 26.37 3.37 -8.42
N TRP A 73 26.41 3.82 -9.66
CA TRP A 73 25.40 3.45 -10.62
C TRP A 73 25.43 1.92 -10.91
N ALA A 74 26.62 1.36 -11.16
CA ALA A 74 26.71 -0.10 -11.35
C ALA A 74 26.14 -0.88 -10.19
N LEU A 75 26.53 -0.47 -8.98
CA LEU A 75 26.05 -1.17 -7.80
C LEU A 75 24.58 -1.01 -7.57
N THR A 76 24.02 0.15 -7.90
CA THR A 76 22.58 0.43 -7.77
C THR A 76 21.83 -0.57 -8.62
N ASN A 77 22.34 -0.85 -9.82
CA ASN A 77 21.62 -1.78 -10.75
C ASN A 77 21.82 -3.25 -10.35
N ILE A 78 22.93 -3.59 -9.74
CA ILE A 78 23.07 -4.96 -9.14
C ILE A 78 22.08 -5.09 -7.99
N ALA A 79 22.01 -4.07 -7.12
CA ALA A 79 21.13 -4.09 -5.94
C ALA A 79 19.66 -4.04 -6.26
N SER A 80 19.30 -3.65 -7.47
CA SER A 80 17.94 -3.66 -7.98
C SER A 80 17.40 -5.01 -8.40
N GLY A 81 18.20 -6.07 -8.37
CA GLY A 81 17.76 -7.38 -8.87
C GLY A 81 17.17 -8.26 -7.78
N THR A 82 17.47 -9.55 -7.82
CA THR A 82 16.87 -10.42 -6.83
C THR A 82 17.44 -10.13 -5.44
N SER A 83 16.91 -10.77 -4.40
CA SER A 83 17.54 -10.79 -3.10
C SER A 83 18.94 -11.24 -3.03
N GLU A 84 19.25 -12.32 -3.72
CA GLU A 84 20.64 -12.79 -3.77
C GLU A 84 21.56 -11.73 -4.41
N GLN A 85 21.10 -11.02 -5.39
CA GLN A 85 21.89 -9.96 -6.01
C GLN A 85 22.08 -8.77 -5.07
N THR A 86 20.98 -8.29 -4.42
CA THR A 86 21.09 -7.26 -3.38
C THR A 86 22.01 -7.69 -2.27
N LYS A 87 21.90 -8.96 -1.83
CA LYS A 87 22.83 -9.44 -0.82
C LYS A 87 24.28 -9.40 -1.18
N ALA A 88 24.58 -9.76 -2.43
CA ALA A 88 26.03 -9.70 -2.86
C ALA A 88 26.55 -8.24 -2.71
N VAL A 89 25.66 -7.28 -2.94
CA VAL A 89 26.06 -5.88 -2.78
C VAL A 89 26.28 -5.54 -1.32
N VAL A 90 25.35 -5.95 -0.48
CA VAL A 90 25.51 -5.72 0.93
C VAL A 90 26.75 -6.44 1.49
N ASP A 91 26.93 -7.70 1.11
CA ASP A 91 28.07 -8.48 1.59
C ASP A 91 29.41 -7.93 1.12
N GLY A 92 29.41 -7.19 -0.01
CA GLY A 92 30.61 -6.40 -0.29
C GLY A 92 30.93 -5.18 0.53
N GLY A 93 30.12 -4.86 1.55
CA GLY A 93 30.40 -3.69 2.35
C GLY A 93 29.80 -2.39 1.81
N ALA A 94 28.85 -2.49 0.88
CA ALA A 94 28.31 -1.30 0.24
C ALA A 94 27.55 -0.38 1.15
N ILE A 95 26.91 -0.89 2.22
CA ILE A 95 26.00 -0.03 2.95
C ILE A 95 26.69 1.19 3.57
N PRO A 96 27.79 0.99 4.33
CA PRO A 96 28.46 2.09 4.91
C PRO A 96 29.09 2.98 3.88
N ALA A 97 29.51 2.39 2.81
CA ALA A 97 30.15 3.23 1.76
C ALA A 97 29.11 4.16 1.01
N PHE A 98 27.90 3.67 0.79
CA PHE A 98 26.83 4.50 0.25
C PHE A 98 26.41 5.57 1.27
N ILE A 99 26.34 5.22 2.54
CA ILE A 99 25.97 6.22 3.54
C ILE A 99 26.98 7.30 3.58
N SER A 100 28.27 6.98 3.46
CA SER A 100 29.27 8.06 3.40
C SER A 100 29.13 8.92 2.15
N LEU A 101 28.65 8.43 1.05
CA LEU A 101 28.48 9.28 -0.12
C LEU A 101 27.26 10.17 -0.10
N LEU A 102 26.35 9.95 0.87
CA LEU A 102 25.26 10.86 1.01
C LEU A 102 25.68 12.28 1.25
N ALA A 103 26.85 12.45 1.85
CA ALA A 103 27.46 13.75 2.09
C ALA A 103 28.29 14.23 0.91
N SER A 104 28.27 13.59 -0.25
CA SER A 104 29.11 14.08 -1.31
C SER A 104 28.69 15.50 -1.76
N PRO A 105 29.66 16.36 -2.11
CA PRO A 105 29.33 17.66 -2.64
C PRO A 105 28.79 17.52 -4.02
N HIS A 106 28.91 16.36 -4.64
CA HIS A 106 28.33 16.25 -6.00
C HIS A 106 26.93 15.67 -5.91
N ALA A 107 25.94 16.49 -6.29
CA ALA A 107 24.57 16.10 -6.15
C ALA A 107 24.26 14.79 -6.87
N HIS A 108 24.84 14.57 -8.05
CA HIS A 108 24.46 13.42 -8.82
C HIS A 108 24.97 12.10 -8.17
N ILE A 109 26.03 12.22 -7.38
CA ILE A 109 26.62 11.14 -6.62
C ILE A 109 25.79 10.84 -5.36
N SER A 110 25.48 11.88 -4.61
CA SER A 110 24.63 11.78 -3.44
C SER A 110 23.31 11.10 -3.84
N GLU A 111 22.74 11.57 -4.93
CA GLU A 111 21.47 11.01 -5.43
C GLU A 111 21.61 9.54 -5.74
N GLN A 112 22.74 9.17 -6.34
CA GLN A 112 22.96 7.74 -6.70
C GLN A 112 23.00 6.84 -5.44
N ALA A 113 23.62 7.34 -4.40
CA ALA A 113 23.72 6.67 -3.13
C ALA A 113 22.40 6.58 -2.47
N VAL A 114 21.63 7.64 -2.54
CA VAL A 114 20.21 7.54 -2.09
C VAL A 114 19.46 6.40 -2.77
N TRP A 115 19.58 6.36 -4.08
CA TRP A 115 18.89 5.39 -4.91
C TRP A 115 19.36 3.96 -4.52
N ALA A 116 20.64 3.79 -4.35
CA ALA A 116 21.16 2.44 -4.00
C ALA A 116 20.69 1.99 -2.63
N LEU A 117 20.66 2.92 -1.66
CA LEU A 117 20.20 2.55 -0.36
C LEU A 117 18.68 2.19 -0.37
N GLY A 118 17.94 2.89 -1.18
CA GLY A 118 16.51 2.55 -1.39
C GLY A 118 16.28 1.14 -1.95
N ASN A 119 17.14 0.74 -2.88
CA ASN A 119 17.10 -0.63 -3.39
C ASN A 119 17.46 -1.66 -2.31
N ILE A 120 18.52 -1.39 -1.52
CA ILE A 120 18.88 -2.24 -0.44
C ILE A 120 17.78 -2.38 0.58
N ALA A 121 17.30 -1.27 1.11
CA ALA A 121 16.22 -1.28 2.06
C ALA A 121 14.98 -1.87 1.52
N GLY A 122 14.75 -1.71 0.22
CA GLY A 122 13.54 -2.27 -0.42
C GLY A 122 13.54 -3.79 -0.53
N ASP A 123 14.67 -4.44 -0.28
CA ASP A 123 14.67 -5.89 -0.32
C ASP A 123 13.80 -6.49 0.80
N GLY A 124 13.69 -5.89 1.97
CA GLY A 124 12.90 -6.51 3.03
C GLY A 124 13.34 -5.90 4.36
N SER A 125 12.76 -6.42 5.41
CA SER A 125 12.90 -5.91 6.74
C SER A 125 14.31 -5.96 7.24
N ALA A 126 14.96 -7.10 6.99
CA ALA A 126 16.30 -7.28 7.52
C ALA A 126 17.24 -6.26 6.91
N PHE A 127 17.30 -6.12 5.59
CA PHE A 127 18.20 -5.12 5.07
C PHE A 127 17.78 -3.65 5.41
N ARG A 128 16.47 -3.38 5.44
CA ARG A 128 15.92 -2.09 5.81
C ARG A 128 16.51 -1.76 7.18
N ASP A 129 16.38 -2.72 8.12
CA ASP A 129 16.86 -2.51 9.50
C ASP A 129 18.33 -2.42 9.55
N LEU A 130 19.04 -3.12 8.67
CA LEU A 130 20.50 -2.95 8.66
C LEU A 130 20.97 -1.61 8.13
N VAL A 131 20.31 -1.13 7.08
CA VAL A 131 20.55 0.20 6.58
C VAL A 131 20.34 1.24 7.69
N ILE A 132 19.30 1.04 8.49
CA ILE A 132 18.96 1.96 9.58
C ILE A 132 20.09 1.91 10.68
N LYS A 133 20.57 0.68 11.00
CA LYS A 133 21.60 0.52 12.02
C LYS A 133 22.93 1.18 11.66
N HIS A 134 23.26 1.14 10.39
CA HIS A 134 24.39 1.78 9.85
C HIS A 134 24.26 3.33 9.78
N GLY A 135 23.15 3.89 10.18
CA GLY A 135 23.01 5.40 10.43
C GLY A 135 22.52 6.14 9.19
N ALA A 136 21.73 5.50 8.34
CA ALA A 136 21.37 6.15 7.13
C ALA A 136 20.34 7.26 7.33
N ILE A 137 19.48 7.20 8.35
CA ILE A 137 18.38 8.09 8.41
C ILE A 137 18.84 9.57 8.63
N ASP A 138 19.77 9.87 9.53
CA ASP A 138 20.20 11.27 9.78
C ASP A 138 20.67 11.91 8.49
N PRO A 139 21.62 11.28 7.78
CA PRO A 139 22.08 12.03 6.59
C PRO A 139 21.04 12.09 5.43
N LEU A 140 20.12 11.12 5.35
CA LEU A 140 19.02 11.23 4.35
C LEU A 140 18.14 12.41 4.66
N LEU A 141 17.80 12.56 5.92
CA LEU A 141 16.92 13.62 6.28
C LEU A 141 17.56 15.00 6.20
N ALA A 142 18.84 15.09 6.53
CA ALA A 142 19.60 16.32 6.38
C ALA A 142 19.55 16.77 4.90
N LEU A 143 19.48 15.87 3.93
CA LEU A 143 19.40 16.35 2.52
C LEU A 143 18.09 17.11 2.28
N LEU A 144 17.06 16.90 3.08
CA LEU A 144 15.79 17.54 2.87
C LEU A 144 15.57 18.65 3.87
N ALA A 145 16.59 19.03 4.61
CA ALA A 145 16.45 20.07 5.68
C ALA A 145 16.61 21.42 5.00
N VAL A 146 15.67 21.81 4.17
CA VAL A 146 15.81 23.06 3.45
C VAL A 146 14.55 23.88 3.72
N PRO A 147 14.60 25.21 3.55
CA PRO A 147 13.35 25.92 3.82
C PRO A 147 12.23 25.62 2.89
N ASP A 148 12.54 25.34 1.63
CA ASP A 148 11.48 25.14 0.66
C ASP A 148 11.94 24.01 -0.29
N LEU A 149 11.23 22.87 -0.14
CA LEU A 149 11.54 21.65 -0.89
C LEU A 149 11.59 21.99 -2.43
N SER A 150 10.88 23.04 -2.86
CA SER A 150 10.84 23.48 -4.28
C SER A 150 12.17 23.90 -4.85
N THR A 151 13.19 24.16 -4.05
CA THR A 151 14.45 24.54 -4.56
C THR A 151 15.27 23.26 -4.90
N LEU A 152 14.82 22.06 -4.53
CA LEU A 152 15.62 20.88 -4.81
C LEU A 152 15.30 20.46 -6.23
N ALA A 153 16.24 19.81 -6.88
CA ALA A 153 15.91 19.19 -8.18
C ALA A 153 14.83 18.15 -8.01
N CYS A 154 13.99 18.12 -9.01
CA CYS A 154 12.83 17.38 -8.92
C CYS A 154 13.12 15.84 -8.84
N GLY A 155 14.01 15.36 -9.70
CA GLY A 155 14.47 13.97 -9.76
C GLY A 155 15.06 13.54 -8.43
N TYR A 156 15.89 14.41 -7.88
CA TYR A 156 16.59 14.17 -6.58
C TYR A 156 15.57 14.05 -5.42
N LEU A 157 14.65 14.97 -5.37
CA LEU A 157 13.55 14.89 -4.35
C LEU A 157 12.73 13.68 -4.47
N ARG A 158 12.39 13.32 -5.71
CA ARG A 158 11.64 12.11 -5.86
C ARG A 158 12.37 10.84 -5.39
N ASN A 159 13.63 10.75 -5.74
CA ASN A 159 14.44 9.67 -5.21
C ASN A 159 14.53 9.60 -3.70
N LEU A 160 14.76 10.73 -3.06
CA LEU A 160 14.80 10.79 -1.62
C LEU A 160 13.48 10.32 -1.03
N THR A 161 12.38 10.83 -1.60
CA THR A 161 11.06 10.41 -1.11
C THR A 161 10.87 8.87 -1.24
N TRP A 162 11.18 8.32 -2.43
CA TRP A 162 11.03 6.87 -2.62
C TRP A 162 11.90 6.09 -1.63
N THR A 163 13.15 6.54 -1.44
CA THR A 163 14.02 5.79 -0.50
C THR A 163 13.49 5.82 0.92
N LEU A 164 13.01 7.01 1.31
CA LEU A 164 12.35 7.07 2.64
C LEU A 164 11.16 6.20 2.80
N SER A 165 10.38 6.08 1.72
CA SER A 165 9.26 5.18 1.74
C SER A 165 9.68 3.72 1.93
N ASN A 166 10.82 3.35 1.39
CA ASN A 166 11.29 1.96 1.57
C ASN A 166 11.79 1.76 2.99
N LEU A 167 12.23 2.83 3.67
CA LEU A 167 12.60 2.68 5.08
C LEU A 167 11.42 2.52 5.95
N CYS A 168 10.26 2.93 5.45
CA CYS A 168 8.96 2.80 6.15
C CYS A 168 8.23 1.49 5.84
N ARG A 169 8.72 0.77 4.85
CA ARG A 169 8.07 -0.39 4.34
C ARG A 169 8.02 -1.60 5.27
N ASN A 170 7.52 -2.69 4.75
CA ASN A 170 7.51 -4.00 5.38
C ASN A 170 6.95 -4.28 6.73
N LYS A 171 7.10 -5.40 7.26
CA LYS A 171 6.40 -5.86 8.43
C LYS A 171 7.08 -7.13 8.87
N ASN A 172 6.80 -7.63 10.05
CA ASN A 172 7.50 -8.79 10.50
C ASN A 172 9.03 -8.69 10.40
N PRO A 173 9.60 -7.74 11.09
CA PRO A 173 8.86 -6.78 11.89
C PRO A 173 8.68 -5.47 11.09
N ALA A 174 7.84 -4.63 11.63
CA ALA A 174 7.72 -3.27 11.17
C ALA A 174 9.02 -2.53 11.55
N PRO A 175 9.27 -1.38 10.96
CA PRO A 175 10.50 -0.62 11.28
C PRO A 175 10.54 -0.22 12.72
N PRO A 176 11.74 0.00 13.25
CA PRO A 176 11.88 0.40 14.66
C PRO A 176 11.09 1.69 14.97
N LEU A 177 10.40 1.67 16.09
CA LEU A 177 9.53 2.77 16.45
C LEU A 177 10.24 4.09 16.38
N ASP A 178 11.45 4.12 16.86
CA ASP A 178 12.24 5.33 16.92
C ASP A 178 12.70 5.84 15.54
N ALA A 179 12.97 4.96 14.58
CA ALA A 179 13.16 5.35 13.19
C ALA A 179 11.90 5.94 12.55
N VAL A 180 10.75 5.38 12.86
CA VAL A 180 9.51 5.91 12.35
C VAL A 180 9.27 7.32 12.95
N GLU A 181 9.58 7.50 14.23
CA GLU A 181 9.37 8.81 14.87
C GLU A 181 10.27 9.85 14.22
N GLN A 182 11.46 9.44 13.88
CA GLN A 182 12.46 10.33 13.32
C GLN A 182 12.10 10.74 11.88
N ILE A 183 11.60 9.81 11.09
CA ILE A 183 11.23 10.06 9.69
C ILE A 183 9.91 10.88 9.56
N LEU A 184 8.98 10.62 10.44
CA LEU A 184 7.60 11.13 10.22
C LEU A 184 7.48 12.65 9.95
N PRO A 185 8.17 13.49 10.76
CA PRO A 185 7.97 14.95 10.45
C PRO A 185 8.38 15.31 9.00
N THR A 186 9.38 14.62 8.42
CA THR A 186 9.84 14.97 7.09
C THR A 186 8.78 14.45 6.15
N LEU A 187 8.25 13.28 6.44
CA LEU A 187 7.22 12.76 5.60
C LEU A 187 5.97 13.68 5.58
N VAL A 188 5.61 14.21 6.74
CA VAL A 188 4.42 15.05 6.78
C VAL A 188 4.65 16.29 5.80
N ARG A 189 5.87 16.78 5.75
CA ARG A 189 6.24 17.89 4.93
C ARG A 189 6.21 17.49 3.45
N LEU A 190 6.57 16.25 3.12
CA LEU A 190 6.62 15.83 1.73
C LEU A 190 5.20 15.65 1.24
N LEU A 191 4.32 15.27 2.16
CA LEU A 191 2.96 15.10 1.78
C LEU A 191 2.22 16.40 1.42
N HIS A 192 2.80 17.54 1.77
CA HIS A 192 2.27 18.84 1.34
C HIS A 192 3.00 19.41 0.13
N HIS A 193 3.85 18.64 -0.49
CA HIS A 193 4.59 19.15 -1.59
C HIS A 193 3.71 19.07 -2.86
N ASN A 194 4.04 19.80 -3.91
CA ASN A 194 3.12 19.82 -5.06
C ASN A 194 3.53 18.89 -6.24
N ASP A 195 4.57 18.09 -6.12
CA ASP A 195 4.88 17.13 -7.24
C ASP A 195 4.09 15.84 -7.11
N PRO A 196 3.42 15.40 -8.18
CA PRO A 196 2.57 14.27 -8.07
C PRO A 196 3.30 12.97 -7.65
N GLU A 197 4.50 12.76 -8.12
CA GLU A 197 5.24 11.55 -7.72
C GLU A 197 5.73 11.62 -6.25
N VAL A 198 6.17 12.76 -5.78
CA VAL A 198 6.51 12.91 -4.29
C VAL A 198 5.26 12.61 -3.45
N LEU A 199 4.13 13.13 -3.90
CA LEU A 199 2.85 12.91 -3.21
C LEU A 199 2.50 11.45 -3.19
N ALA A 200 2.65 10.80 -4.33
CA ALA A 200 2.34 9.37 -4.39
C ALA A 200 3.21 8.56 -3.43
N ASP A 201 4.49 8.82 -3.48
CA ASP A 201 5.38 8.06 -2.64
C ASP A 201 5.28 8.37 -1.17
N SER A 202 4.94 9.60 -0.82
CA SER A 202 4.66 9.94 0.55
C SER A 202 3.44 9.25 1.07
N CYS A 203 2.37 9.20 0.22
CA CYS A 203 1.22 8.36 0.53
C CYS A 203 1.56 6.89 0.73
N TRP A 204 2.35 6.31 -0.18
CA TRP A 204 2.80 4.95 0.00
C TRP A 204 3.48 4.76 1.39
N ALA A 205 4.40 5.62 1.74
CA ALA A 205 5.07 5.57 3.07
C ALA A 205 4.08 5.57 4.20
N ILE A 206 3.08 6.44 4.09
CA ILE A 206 2.09 6.56 5.16
C ILE A 206 1.20 5.35 5.20
N SER A 207 0.90 4.81 4.03
CA SER A 207 0.19 3.54 3.97
C SER A 207 0.92 2.36 4.65
N TYR A 208 2.24 2.33 4.52
CA TYR A 208 3.01 1.24 5.17
C TYR A 208 2.95 1.42 6.67
N LEU A 209 3.07 2.67 7.10
CA LEU A 209 3.18 2.94 8.54
C LEU A 209 1.83 2.76 9.25
N THR A 210 0.73 2.80 8.50
CA THR A 210 -0.58 2.58 9.08
C THR A 210 -1.04 1.14 8.94
N ASP A 211 -0.24 0.29 8.28
CA ASP A 211 -0.57 -1.10 8.07
C ASP A 211 0.03 -1.82 9.30
N GLY A 212 -0.69 -1.82 10.41
CA GLY A 212 -0.07 -2.36 11.64
C GLY A 212 -1.09 -2.24 12.76
N PRO A 213 -0.66 -2.54 13.98
CA PRO A 213 -1.63 -2.40 15.08
C PRO A 213 -1.94 -0.91 15.40
N ASN A 214 -2.90 -0.72 16.29
CA ASN A 214 -3.42 0.61 16.63
C ASN A 214 -2.36 1.62 17.04
N GLU A 215 -1.34 1.17 17.73
CA GLU A 215 -0.28 2.07 18.23
C GLU A 215 0.55 2.61 17.06
N ARG A 216 0.73 1.81 16.02
CA ARG A 216 1.36 2.30 14.78
C ARG A 216 0.50 3.33 14.06
N ILE A 217 -0.80 2.99 13.88
CA ILE A 217 -1.76 3.97 13.32
C ILE A 217 -1.74 5.28 14.08
N GLU A 218 -1.72 5.16 15.42
CA GLU A 218 -1.78 6.34 16.25
C GLU A 218 -0.64 7.30 16.04
N MET A 219 0.56 6.77 15.91
CA MET A 219 1.71 7.59 15.67
C MET A 219 1.51 8.42 14.42
N VAL A 220 0.90 7.87 13.40
CA VAL A 220 0.57 8.67 12.18
C VAL A 220 -0.56 9.66 12.40
N VAL A 221 -1.71 9.20 12.91
CA VAL A 221 -2.88 10.05 13.10
C VAL A 221 -2.54 11.25 14.02
N LYS A 222 -1.71 11.01 15.06
CA LYS A 222 -1.34 12.10 15.95
C LYS A 222 -0.58 13.20 15.21
N LYS A 223 0.09 12.93 14.12
CA LYS A 223 0.78 14.03 13.40
C LYS A 223 -0.19 14.91 12.63
N GLY A 224 -1.49 14.63 12.61
CA GLY A 224 -2.40 15.54 11.92
C GLY A 224 -2.50 15.37 10.42
N VAL A 225 -2.03 14.26 9.85
CA VAL A 225 -2.03 14.11 8.42
C VAL A 225 -3.39 13.72 7.80
N VAL A 226 -4.33 13.30 8.64
CA VAL A 226 -5.56 12.71 8.09
C VAL A 226 -6.28 13.69 7.11
N PRO A 227 -6.49 14.97 7.51
CA PRO A 227 -7.01 15.91 6.51
C PRO A 227 -6.26 16.00 5.22
N GLN A 228 -4.93 16.01 5.24
CA GLN A 228 -4.22 16.06 3.97
C GLN A 228 -4.42 14.78 3.17
N LEU A 229 -4.50 13.61 3.88
CA LEU A 229 -4.73 12.35 3.15
C LEU A 229 -6.11 12.37 2.47
N VAL A 230 -7.09 12.97 3.15
CA VAL A 230 -8.43 13.10 2.57
C VAL A 230 -8.42 13.99 1.34
N LYS A 231 -7.68 15.07 1.38
CA LYS A 231 -7.55 15.89 0.21
C LYS A 231 -6.90 15.12 -0.96
N LEU A 232 -5.89 14.30 -0.68
CA LEU A 232 -5.24 13.54 -1.78
C LEU A 232 -6.15 12.50 -2.31
N LEU A 233 -7.03 12.01 -1.44
CA LEU A 233 -8.05 11.05 -1.85
C LEU A 233 -8.89 11.56 -2.99
N GLY A 234 -8.99 12.86 -3.11
CA GLY A 234 -9.78 13.48 -4.09
C GLY A 234 -8.95 13.93 -5.26
N ALA A 235 -7.70 13.49 -5.42
CA ALA A 235 -6.86 13.93 -6.51
C ALA A 235 -7.28 13.28 -7.80
N THR A 236 -6.89 13.88 -8.91
CA THR A 236 -7.26 13.37 -10.24
C THR A 236 -6.24 12.32 -10.63
N GLU A 237 -5.03 12.32 -10.08
CA GLU A 237 -4.07 11.28 -10.44
C GLU A 237 -4.29 9.95 -9.64
N LEU A 238 -4.56 8.90 -10.36
CA LEU A 238 -4.71 7.58 -9.84
C LEU A 238 -3.52 7.10 -8.97
N PRO A 239 -2.26 7.39 -9.39
CA PRO A 239 -1.11 6.97 -8.57
C PRO A 239 -1.05 7.70 -7.22
N ILE A 240 -1.75 8.83 -7.06
CA ILE A 240 -1.97 9.38 -5.74
C ILE A 240 -3.17 8.79 -5.02
N VAL A 241 -4.31 8.66 -5.72
CA VAL A 241 -5.53 8.19 -5.03
C VAL A 241 -5.28 6.80 -4.49
N THR A 242 -4.55 5.97 -5.22
CA THR A 242 -4.41 4.59 -4.80
C THR A 242 -3.78 4.44 -3.36
N PRO A 243 -2.59 5.02 -3.12
CA PRO A 243 -2.02 4.98 -1.77
C PRO A 243 -2.71 5.81 -0.74
N ALA A 244 -3.24 6.98 -1.10
CA ALA A 244 -4.12 7.71 -0.16
C ALA A 244 -5.28 6.90 0.33
N LEU A 245 -5.95 6.22 -0.56
CA LEU A 245 -7.07 5.35 -0.15
C LEU A 245 -6.60 4.13 0.70
N ARG A 246 -5.43 3.55 0.37
CA ARG A 246 -4.89 2.42 1.14
C ARG A 246 -4.63 2.95 2.56
N ALA A 247 -4.05 4.14 2.69
CA ALA A 247 -3.72 4.68 4.06
C ALA A 247 -4.99 4.92 4.84
N ILE A 248 -5.95 5.59 4.20
CA ILE A 248 -7.27 5.82 4.87
C ILE A 248 -7.91 4.53 5.28
N GLY A 249 -7.92 3.57 4.38
CA GLY A 249 -8.42 2.25 4.74
C GLY A 249 -7.71 1.63 5.95
N ASN A 250 -6.39 1.72 5.98
CA ASN A 250 -5.63 1.15 7.08
C ASN A 250 -6.00 1.86 8.38
N ILE A 251 -6.17 3.17 8.32
CA ILE A 251 -6.51 3.91 9.52
C ILE A 251 -7.83 3.44 10.10
N VAL A 252 -8.81 3.14 9.24
CA VAL A 252 -10.10 2.81 9.77
C VAL A 252 -10.15 1.36 10.20
N THR A 253 -9.06 0.59 10.10
CA THR A 253 -9.05 -0.67 10.75
C THR A 253 -8.67 -0.47 12.26
N GLY A 254 -8.35 0.74 12.70
CA GLY A 254 -7.94 0.96 14.08
C GLY A 254 -9.14 1.18 15.00
N THR A 255 -9.01 2.07 15.97
CA THR A 255 -10.01 2.23 17.02
C THR A 255 -11.13 3.08 16.37
N ASP A 256 -12.25 3.15 17.05
CA ASP A 256 -13.36 3.96 16.62
C ASP A 256 -13.05 5.41 16.67
N GLU A 257 -12.17 5.83 17.57
CA GLU A 257 -11.71 7.22 17.61
C GLU A 257 -10.78 7.58 16.42
N GLN A 258 -9.89 6.66 16.07
CA GLN A 258 -9.04 6.85 14.84
C GLN A 258 -9.96 6.95 13.62
N THR A 259 -10.93 6.08 13.55
CA THR A 259 -11.89 6.07 12.44
C THR A 259 -12.65 7.36 12.40
N GLN A 260 -12.99 7.92 13.58
CA GLN A 260 -13.70 9.20 13.64
C GLN A 260 -12.92 10.32 13.04
N LYS A 261 -11.58 10.26 13.09
CA LYS A 261 -10.75 11.34 12.52
C LYS A 261 -10.89 11.36 11.02
N VAL A 262 -10.98 10.20 10.45
CA VAL A 262 -11.20 10.11 9.00
C VAL A 262 -12.55 10.73 8.61
N ILE A 263 -13.57 10.42 9.37
CA ILE A 263 -14.90 10.95 9.10
C ILE A 263 -14.93 12.46 9.29
N ASP A 264 -14.42 12.93 10.43
CA ASP A 264 -14.38 14.36 10.72
C ASP A 264 -13.67 15.15 9.63
N ALA A 265 -12.64 14.56 9.02
CA ALA A 265 -11.91 15.30 7.97
C ALA A 265 -12.68 15.30 6.65
N GLY A 266 -13.83 14.67 6.55
CA GLY A 266 -14.62 14.84 5.29
C GLY A 266 -14.42 13.71 4.29
N ALA A 267 -13.88 12.57 4.72
CA ALA A 267 -13.63 11.48 3.79
C ALA A 267 -14.87 10.95 3.11
N LEU A 268 -15.99 10.89 3.84
CA LEU A 268 -17.15 10.25 3.31
C LEU A 268 -17.66 10.93 2.05
N ALA A 269 -17.43 12.22 1.90
CA ALA A 269 -17.92 12.96 0.74
C ALA A 269 -17.25 12.51 -0.55
N VAL A 270 -16.15 11.79 -0.49
CA VAL A 270 -15.45 11.38 -1.73
C VAL A 270 -15.92 10.02 -2.11
N PHE A 271 -16.60 9.33 -1.23
CA PHE A 271 -17.03 7.98 -1.57
C PHE A 271 -18.04 7.79 -2.72
N PRO A 272 -18.90 8.75 -3.02
CA PRO A 272 -19.78 8.48 -4.18
C PRO A 272 -18.93 8.27 -5.40
N SER A 273 -17.83 9.01 -5.52
CA SER A 273 -16.99 8.79 -6.66
C SER A 273 -16.05 7.54 -6.56
N LEU A 274 -15.56 7.24 -5.39
CA LEU A 274 -14.70 6.07 -5.22
C LEU A 274 -15.45 4.79 -5.43
N LEU A 275 -16.66 4.74 -4.91
CA LEU A 275 -17.45 3.55 -5.04
C LEU A 275 -18.04 3.33 -6.43
N THR A 276 -17.87 4.31 -7.33
CA THR A 276 -18.18 4.17 -8.73
C THR A 276 -16.95 4.30 -9.61
N ASN A 277 -15.75 4.26 -9.03
CA ASN A 277 -14.57 4.56 -9.80
C ASN A 277 -14.39 3.48 -10.89
N PRO A 278 -14.09 3.89 -12.12
CA PRO A 278 -13.79 2.96 -13.16
C PRO A 278 -12.64 1.98 -12.87
N LYS A 279 -11.68 2.34 -12.00
CA LYS A 279 -10.62 1.35 -11.62
C LYS A 279 -11.10 0.36 -10.61
N THR A 280 -11.14 -0.91 -10.96
CA THR A 280 -11.80 -1.86 -10.04
C THR A 280 -11.09 -1.99 -8.68
N ASN A 281 -9.76 -1.89 -8.64
CA ASN A 281 -9.03 -1.89 -7.37
C ASN A 281 -9.44 -0.72 -6.39
N ILE A 282 -9.71 0.47 -6.91
CA ILE A 282 -10.18 1.58 -6.11
C ILE A 282 -11.57 1.30 -5.56
N GLN A 283 -12.48 0.83 -6.44
CA GLN A 283 -13.78 0.42 -5.99
C GLN A 283 -13.70 -0.64 -4.91
N LYS A 284 -12.81 -1.60 -5.12
CA LYS A 284 -12.65 -2.62 -4.12
C LYS A 284 -12.13 -2.09 -2.76
N GLU A 285 -11.06 -1.30 -2.77
CA GLU A 285 -10.54 -0.79 -1.53
C GLU A 285 -11.43 0.24 -0.85
N ALA A 286 -12.16 0.99 -1.69
CA ALA A 286 -13.17 1.93 -1.18
C ALA A 286 -14.23 1.15 -0.47
N THR A 287 -14.62 0.02 -1.01
CA THR A 287 -15.71 -0.72 -0.38
C THR A 287 -15.24 -1.40 0.92
N TRP A 288 -14.02 -1.84 0.90
CA TRP A 288 -13.36 -2.46 2.06
C TRP A 288 -13.33 -1.42 3.19
N THR A 289 -12.86 -0.25 2.85
CA THR A 289 -12.83 0.88 3.75
C THR A 289 -14.23 1.18 4.37
N MET A 290 -15.24 1.20 3.51
CA MET A 290 -16.65 1.34 4.00
C MET A 290 -16.99 0.26 4.98
N SER A 291 -16.57 -0.96 4.71
CA SER A 291 -16.91 -2.05 5.58
C SER A 291 -16.32 -1.85 6.94
N ASN A 292 -15.13 -1.26 7.03
CA ASN A 292 -14.59 -0.99 8.33
C ASN A 292 -15.20 0.18 9.03
N ILE A 293 -15.78 1.15 8.28
CA ILE A 293 -16.49 2.24 8.89
C ILE A 293 -17.85 1.69 9.36
N THR A 294 -18.50 0.84 8.58
CA THR A 294 -19.78 0.28 9.05
C THR A 294 -19.64 -0.72 10.22
N ALA A 295 -18.41 -1.18 10.50
CA ALA A 295 -18.11 -1.91 11.74
C ALA A 295 -17.96 -1.02 12.98
N GLY A 296 -18.13 0.30 12.89
CA GLY A 296 -17.96 1.21 14.03
C GLY A 296 -19.27 1.43 14.81
N ARG A 297 -19.40 2.60 15.43
CA ARG A 297 -20.47 2.88 16.29
C ARG A 297 -21.65 3.30 15.43
N GLN A 298 -22.79 3.35 16.07
CA GLN A 298 -24.04 3.79 15.47
C GLN A 298 -23.99 5.22 14.95
N ASP A 299 -23.31 6.14 15.66
CA ASP A 299 -23.22 7.52 15.16
C ASP A 299 -22.30 7.57 13.88
N GLN A 300 -21.44 6.56 13.75
CA GLN A 300 -20.60 6.46 12.57
C GLN A 300 -21.42 5.86 11.36
N ILE A 301 -22.13 4.78 11.64
CA ILE A 301 -23.11 4.27 10.71
C ILE A 301 -24.05 5.40 10.27
N GLN A 302 -24.43 6.33 11.17
CA GLN A 302 -25.36 7.40 10.80
C GLN A 302 -24.77 8.35 9.79
N GLN A 303 -23.48 8.60 9.94
CA GLN A 303 -22.80 9.46 8.96
C GLN A 303 -22.72 8.80 7.58
N VAL A 304 -22.49 7.50 7.52
CA VAL A 304 -22.57 6.79 6.27
C VAL A 304 -23.97 7.03 5.64
N VAL A 305 -25.01 6.82 6.41
CA VAL A 305 -26.37 7.14 5.98
C VAL A 305 -26.53 8.61 5.51
N ASN A 306 -26.08 9.59 6.30
CA ASN A 306 -26.32 11.02 5.97
C ASN A 306 -25.61 11.43 4.71
N HIS A 307 -24.42 10.83 4.46
CA HIS A 307 -23.69 11.13 3.23
C HIS A 307 -24.23 10.47 2.02
N GLY A 308 -25.35 9.72 2.14
CA GLY A 308 -26.03 9.19 0.97
C GLY A 308 -25.32 7.94 0.47
N LEU A 309 -24.53 7.26 1.32
CA LEU A 309 -23.70 6.10 0.87
C LEU A 309 -24.33 4.77 0.88
N VAL A 310 -25.55 4.62 1.46
CA VAL A 310 -26.16 3.33 1.46
C VAL A 310 -26.59 2.97 0.02
N PRO A 311 -27.14 3.92 -0.72
CA PRO A 311 -27.50 3.57 -2.08
C PRO A 311 -26.26 3.20 -2.91
N PHE A 312 -25.11 3.77 -2.61
CA PHE A 312 -23.87 3.38 -3.36
C PHE A 312 -23.45 1.99 -2.95
N LEU A 313 -23.66 1.61 -1.68
CA LEU A 313 -23.42 0.18 -1.32
C LEU A 313 -24.43 -0.77 -1.97
N VAL A 314 -25.69 -0.38 -2.08
CA VAL A 314 -26.60 -1.20 -2.81
C VAL A 314 -26.14 -1.34 -4.28
N GLY A 315 -25.67 -0.25 -4.86
CA GLY A 315 -25.11 -0.26 -6.16
C GLY A 315 -23.95 -1.24 -6.34
N VAL A 316 -22.92 -1.18 -5.52
CA VAL A 316 -21.80 -2.12 -5.64
C VAL A 316 -22.19 -3.57 -5.34
N LEU A 317 -23.10 -3.81 -4.40
CA LEU A 317 -23.63 -5.13 -4.20
C LEU A 317 -24.33 -5.64 -5.53
N SER A 318 -25.03 -4.74 -6.21
CA SER A 318 -25.82 -5.14 -7.34
C SER A 318 -24.92 -5.44 -8.56
N LYS A 319 -23.84 -4.70 -8.68
CA LYS A 319 -22.99 -4.84 -9.83
C LYS A 319 -21.61 -4.25 -9.57
N ALA A 320 -20.61 -5.11 -9.69
CA ALA A 320 -19.24 -4.76 -9.49
C ALA A 320 -18.46 -5.99 -9.72
N ASP A 321 -17.16 -5.86 -9.74
CA ASP A 321 -16.27 -7.03 -9.71
C ASP A 321 -16.60 -7.92 -8.48
N PHE A 322 -16.48 -9.24 -8.58
CA PHE A 322 -16.81 -10.12 -7.45
C PHE A 322 -16.15 -9.83 -6.12
N LYS A 323 -14.88 -9.51 -6.14
CA LYS A 323 -14.17 -9.16 -4.91
C LYS A 323 -14.70 -7.88 -4.25
N THR A 324 -15.07 -6.90 -5.09
CA THR A 324 -15.72 -5.71 -4.57
C THR A 324 -17.10 -6.09 -3.97
N GLN A 325 -17.88 -6.90 -4.67
CA GLN A 325 -19.15 -7.36 -4.14
C GLN A 325 -18.99 -8.06 -2.80
N LYS A 326 -17.88 -8.76 -2.63
CA LYS A 326 -17.64 -9.46 -1.35
C LYS A 326 -17.34 -8.45 -0.19
N GLU A 327 -16.61 -7.39 -0.51
CA GLU A 327 -16.40 -6.29 0.45
C GLU A 327 -17.75 -5.64 0.80
N ALA A 328 -18.64 -5.52 -0.19
CA ALA A 328 -19.95 -4.86 0.01
C ALA A 328 -20.79 -5.71 0.96
N ALA A 329 -20.73 -7.01 0.78
CA ALA A 329 -21.44 -7.94 1.66
C ALA A 329 -20.95 -7.83 3.06
N TRP A 330 -19.62 -7.80 3.25
CA TRP A 330 -19.04 -7.50 4.57
C TRP A 330 -19.57 -6.18 5.14
N ALA A 331 -19.54 -5.12 4.35
CA ALA A 331 -20.02 -3.83 4.82
C ALA A 331 -21.47 -3.89 5.31
N ILE A 332 -22.29 -4.66 4.61
CA ILE A 332 -23.68 -4.79 4.97
C ILE A 332 -23.80 -5.64 6.27
N THR A 333 -23.05 -6.74 6.39
CA THR A 333 -23.13 -7.56 7.62
C THR A 333 -22.63 -6.76 8.80
N ASN A 334 -21.62 -5.92 8.61
CA ASN A 334 -21.14 -5.10 9.69
C ASN A 334 -22.19 -4.07 10.05
N TYR A 335 -22.74 -3.41 9.04
CA TYR A 335 -23.79 -2.39 9.29
C TYR A 335 -24.94 -3.03 10.08
N THR A 336 -25.41 -4.19 9.63
CA THR A 336 -26.59 -4.82 10.25
C THR A 336 -26.27 -5.36 11.63
N SER A 337 -25.05 -5.80 11.84
CA SER A 337 -24.63 -6.23 13.16
C SER A 337 -24.52 -5.08 14.22
N GLY A 338 -24.03 -3.91 13.84
CA GLY A 338 -23.96 -2.79 14.80
C GLY A 338 -25.04 -1.71 14.73
N GLY A 339 -25.91 -1.73 13.72
CA GLY A 339 -26.83 -0.57 13.48
C GLY A 339 -28.05 -0.58 14.40
N THR A 340 -28.74 0.52 14.53
CA THR A 340 -30.07 0.54 15.16
C THR A 340 -31.11 -0.10 14.28
N VAL A 341 -32.29 -0.34 14.86
CA VAL A 341 -33.41 -0.80 14.08
C VAL A 341 -33.69 0.14 12.91
N GLU A 342 -33.74 1.44 13.16
CA GLU A 342 -34.06 2.43 12.15
C GLU A 342 -33.04 2.41 10.99
N GLN A 343 -31.76 2.31 11.33
CA GLN A 343 -30.70 2.22 10.32
C GLN A 343 -30.88 0.99 9.47
N ILE A 344 -31.22 -0.13 10.10
CA ILE A 344 -31.43 -1.38 9.37
C ILE A 344 -32.68 -1.36 8.48
N VAL A 345 -33.74 -0.81 8.98
CA VAL A 345 -34.91 -0.56 8.14
C VAL A 345 -34.58 0.29 6.89
N TYR A 346 -33.83 1.37 7.08
CA TYR A 346 -33.43 2.27 5.98
C TYR A 346 -32.73 1.48 4.87
N LEU A 347 -31.87 0.59 5.30
CA LEU A 347 -31.17 -0.28 4.39
C LEU A 347 -32.04 -1.14 3.51
N VAL A 348 -33.09 -1.69 4.13
CA VAL A 348 -34.05 -2.41 3.32
C VAL A 348 -34.82 -1.48 2.37
N HIS A 349 -35.25 -0.33 2.86
CA HIS A 349 -35.88 0.68 2.01
C HIS A 349 -35.01 1.16 0.86
N CYS A 350 -33.70 1.08 0.99
CA CYS A 350 -32.80 1.40 -0.14
C CYS A 350 -32.67 0.33 -1.18
N GLY A 351 -33.19 -0.86 -0.88
CA GLY A 351 -33.21 -1.92 -1.87
C GLY A 351 -32.12 -2.95 -1.67
N ILE A 352 -31.68 -3.15 -0.44
CA ILE A 352 -30.58 -4.09 -0.20
C ILE A 352 -30.90 -5.56 -0.43
N ILE A 353 -32.18 -5.91 -0.30
CA ILE A 353 -32.51 -7.35 -0.21
C ILE A 353 -32.30 -8.05 -1.54
N GLU A 354 -32.78 -7.47 -2.63
CA GLU A 354 -32.66 -8.19 -3.88
C GLU A 354 -31.19 -8.42 -4.29
N PRO A 355 -30.32 -7.40 -4.33
CA PRO A 355 -28.95 -7.83 -4.68
C PRO A 355 -28.29 -8.75 -3.65
N LEU A 356 -28.66 -8.65 -2.39
CA LEU A 356 -28.07 -9.60 -1.40
C LEU A 356 -28.44 -11.07 -1.73
N MET A 357 -29.72 -11.28 -2.01
CA MET A 357 -30.24 -12.57 -2.43
C MET A 357 -29.60 -13.06 -3.73
N ASN A 358 -29.46 -12.18 -4.75
CA ASN A 358 -28.75 -12.55 -5.99
C ASN A 358 -27.38 -13.08 -5.77
N LEU A 359 -26.70 -12.57 -4.77
CA LEU A 359 -25.36 -13.06 -4.47
C LEU A 359 -25.31 -14.47 -3.78
N LEU A 360 -26.43 -14.99 -3.35
CA LEU A 360 -26.38 -16.28 -2.74
C LEU A 360 -26.02 -17.38 -3.71
N SER A 361 -26.09 -17.14 -5.01
CA SER A 361 -25.74 -18.19 -5.94
C SER A 361 -24.29 -18.17 -6.31
N ALA A 362 -23.47 -17.48 -5.51
CA ALA A 362 -22.05 -17.41 -5.79
C ALA A 362 -21.42 -18.64 -5.21
N LYS A 363 -20.34 -19.12 -5.84
CA LYS A 363 -19.67 -20.32 -5.35
C LYS A 363 -18.50 -19.82 -4.60
N ASP A 364 -18.77 -19.25 -3.43
CA ASP A 364 -17.70 -18.79 -2.55
C ASP A 364 -18.38 -18.94 -1.25
N THR A 365 -17.87 -19.79 -0.38
CA THR A 365 -18.72 -20.17 0.74
C THR A 365 -18.60 -19.09 1.82
N LYS A 366 -17.54 -18.31 1.75
CA LYS A 366 -17.37 -17.16 2.67
C LYS A 366 -18.46 -16.08 2.46
N ILE A 367 -18.63 -15.64 1.23
CA ILE A 367 -19.68 -14.65 0.97
C ILE A 367 -21.05 -15.19 1.41
N ILE A 368 -21.26 -16.51 1.30
CA ILE A 368 -22.58 -17.05 1.67
C ILE A 368 -22.85 -16.89 3.16
N GLN A 369 -21.85 -17.16 3.99
CA GLN A 369 -22.01 -17.03 5.45
C GLN A 369 -22.25 -15.62 5.84
N VAL A 370 -21.48 -14.71 5.19
CA VAL A 370 -21.59 -13.28 5.44
C VAL A 370 -23.00 -12.84 5.13
N ILE A 371 -23.51 -13.26 3.98
CA ILE A 371 -24.83 -12.83 3.63
C ILE A 371 -25.93 -13.40 4.58
N LEU A 372 -25.77 -14.65 4.98
CA LEU A 372 -26.75 -15.27 5.86
C LEU A 372 -26.79 -14.59 7.20
N ASP A 373 -25.61 -14.21 7.68
CA ASP A 373 -25.52 -13.41 8.90
C ASP A 373 -26.22 -12.10 8.73
N ALA A 374 -25.96 -11.40 7.61
CA ALA A 374 -26.69 -10.17 7.36
C ALA A 374 -28.22 -10.38 7.40
N ILE A 375 -28.70 -11.39 6.70
CA ILE A 375 -30.17 -11.68 6.62
C ILE A 375 -30.73 -11.96 7.99
N SER A 376 -29.94 -12.69 8.77
CA SER A 376 -30.40 -13.03 10.11
C SER A 376 -30.50 -11.74 10.94
N ASN A 377 -29.51 -10.87 10.81
CA ASN A 377 -29.57 -9.61 11.50
C ASN A 377 -30.72 -8.73 11.06
N ILE A 378 -31.06 -8.77 9.79
CA ILE A 378 -32.13 -7.88 9.32
C ILE A 378 -33.48 -8.45 9.90
N PHE A 379 -33.58 -9.76 9.94
CA PHE A 379 -34.78 -10.39 10.53
C PHE A 379 -34.90 -10.03 11.97
N GLN A 380 -33.78 -10.07 12.67
CA GLN A 380 -33.77 -9.66 14.05
C GLN A 380 -34.32 -8.25 14.26
N ALA A 381 -34.01 -7.31 13.36
CA ALA A 381 -34.59 -5.96 13.48
C ALA A 381 -36.09 -5.98 13.15
N ALA A 382 -36.49 -6.81 12.20
CA ALA A 382 -37.88 -6.87 11.86
C ALA A 382 -38.71 -7.51 12.99
N GLU A 383 -38.18 -8.54 13.67
CA GLU A 383 -38.84 -9.16 14.83
C GLU A 383 -39.28 -8.04 15.75
N LYS A 384 -38.32 -7.20 16.14
CA LYS A 384 -38.53 -6.03 17.01
C LYS A 384 -39.61 -5.08 16.56
N LEU A 385 -39.83 -4.93 15.26
CA LEU A 385 -40.93 -4.13 14.77
C LEU A 385 -42.18 -5.01 14.50
N GLY A 386 -42.12 -6.32 14.78
CA GLY A 386 -43.21 -7.24 14.40
C GLY A 386 -43.46 -7.39 12.92
N GLU A 387 -42.42 -7.33 12.09
CA GLU A 387 -42.63 -7.36 10.64
C GLU A 387 -41.82 -8.39 9.93
N THR A 388 -41.51 -9.48 10.60
CA THR A 388 -40.81 -10.57 9.95
C THR A 388 -41.51 -11.06 8.68
N GLU A 389 -42.84 -11.02 8.66
CA GLU A 389 -43.61 -11.51 7.52
C GLU A 389 -43.35 -10.66 6.31
N LYS A 390 -43.48 -9.35 6.46
CA LYS A 390 -43.25 -8.46 5.34
C LYS A 390 -41.86 -8.68 4.70
N LEU A 391 -40.88 -8.94 5.54
CA LEU A 391 -39.54 -9.26 5.01
C LEU A 391 -39.48 -10.64 4.36
N SER A 392 -40.17 -11.63 4.96
CA SER A 392 -40.23 -12.97 4.36
C SER A 392 -40.78 -12.94 2.95
N ILE A 393 -41.85 -12.17 2.76
CA ILE A 393 -42.47 -12.04 1.49
C ILE A 393 -41.51 -11.37 0.52
N MET A 394 -40.83 -10.34 1.00
CA MET A 394 -39.93 -9.60 0.12
C MET A 394 -38.82 -10.54 -0.34
N ILE A 395 -38.37 -11.42 0.53
CA ILE A 395 -37.31 -12.33 0.19
C ILE A 395 -37.81 -13.41 -0.73
N GLU A 396 -39.03 -13.86 -0.47
CA GLU A 396 -39.59 -14.84 -1.38
C GLU A 396 -39.85 -14.26 -2.77
N GLU A 397 -40.42 -13.06 -2.84
CA GLU A 397 -40.73 -12.49 -4.15
C GLU A 397 -39.57 -12.28 -5.07
N CYS A 398 -38.32 -12.13 -4.58
CA CYS A 398 -37.22 -11.87 -5.52
C CYS A 398 -36.36 -13.13 -5.75
N GLY A 399 -36.83 -14.30 -5.30
CA GLY A 399 -36.09 -15.54 -5.57
C GLY A 399 -35.24 -15.96 -4.42
N GLY A 400 -35.35 -15.26 -3.31
CA GLY A 400 -34.42 -15.48 -2.22
C GLY A 400 -34.78 -16.72 -1.40
N LEU A 401 -36.06 -17.06 -1.34
CA LEU A 401 -36.44 -18.25 -0.58
C LEU A 401 -35.88 -19.52 -1.24
N ASP A 402 -36.00 -19.59 -2.57
CA ASP A 402 -35.39 -20.68 -3.35
C ASP A 402 -33.90 -20.83 -3.10
N LYS A 403 -33.18 -19.72 -3.09
CA LYS A 403 -31.75 -19.78 -2.81
C LYS A 403 -31.40 -20.29 -1.40
N ILE A 404 -32.16 -19.87 -0.40
CA ILE A 404 -31.89 -20.29 0.97
C ILE A 404 -32.30 -21.77 1.18
N GLU A 405 -33.41 -22.20 0.55
CA GLU A 405 -33.88 -23.61 0.56
C GLU A 405 -32.73 -24.46 0.12
N ALA A 406 -32.25 -24.20 -1.11
CA ALA A 406 -31.09 -24.92 -1.63
C ALA A 406 -29.94 -25.03 -0.63
N LEU A 407 -29.62 -23.94 0.05
CA LEU A 407 -28.42 -23.92 0.90
C LEU A 407 -28.54 -24.76 2.16
N GLN A 408 -29.74 -25.25 2.46
CA GLN A 408 -29.86 -26.29 3.50
C GLN A 408 -29.05 -27.53 3.11
N ARG A 409 -28.98 -27.78 1.81
CA ARG A 409 -28.25 -28.92 1.22
C ARG A 409 -26.82 -28.57 0.80
N HIS A 410 -26.24 -27.52 1.35
CA HIS A 410 -24.90 -27.09 1.00
C HIS A 410 -23.94 -27.89 1.87
N GLU A 411 -22.76 -28.15 1.31
CA GLU A 411 -21.71 -28.96 1.94
C GLU A 411 -21.19 -28.35 3.27
N ASN A 412 -20.77 -27.10 3.26
CA ASN A 412 -20.38 -26.42 4.48
C ASN A 412 -21.40 -26.46 5.61
N GLU A 413 -20.90 -26.58 6.84
CA GLU A 413 -21.75 -26.81 8.02
C GLU A 413 -22.55 -25.57 8.50
N SER A 414 -21.87 -24.46 8.75
CA SER A 414 -22.51 -23.18 9.14
C SER A 414 -23.56 -22.72 8.14
N VAL A 415 -23.24 -22.87 6.86
CA VAL A 415 -24.19 -22.58 5.77
C VAL A 415 -25.46 -23.40 5.92
N TYR A 416 -25.37 -24.74 5.92
CA TYR A 416 -26.61 -25.54 6.04
C TYR A 416 -27.32 -25.22 7.34
N LYS A 417 -26.59 -25.09 8.44
CA LYS A 417 -27.19 -24.67 9.73
C LYS A 417 -27.93 -23.34 9.68
N ALA A 418 -27.21 -22.29 9.25
CA ALA A 418 -27.75 -20.91 9.23
C ALA A 418 -29.02 -20.85 8.42
N SER A 419 -29.01 -21.51 7.28
CA SER A 419 -30.16 -21.53 6.39
C SER A 419 -31.34 -22.31 6.94
N LEU A 420 -31.09 -23.54 7.41
CA LEU A 420 -32.09 -24.35 8.08
C LEU A 420 -32.84 -23.50 9.13
N ASN A 421 -32.07 -22.83 9.97
CA ASN A 421 -32.59 -21.89 10.94
C ASN A 421 -33.58 -20.85 10.38
N LEU A 422 -33.16 -20.20 9.29
CA LEU A 422 -33.95 -19.12 8.76
C LEU A 422 -35.23 -19.69 8.23
N ILE A 423 -35.13 -20.82 7.52
CA ILE A 423 -36.35 -21.43 6.97
C ILE A 423 -37.28 -21.82 8.12
N GLU A 424 -36.71 -22.57 9.07
CA GLU A 424 -37.43 -23.02 10.26
C GLU A 424 -38.03 -21.83 10.97
N LYS A 425 -37.28 -20.75 11.10
CA LYS A 425 -37.73 -19.66 11.95
C LYS A 425 -38.64 -18.68 11.24
N TYR A 426 -38.45 -18.49 9.96
CA TYR A 426 -39.15 -17.42 9.25
C TYR A 426 -39.95 -17.87 8.06
N PHE A 427 -39.67 -19.07 7.54
CA PHE A 427 -40.40 -19.56 6.34
C PHE A 427 -41.26 -20.89 6.48
N SER A 428 -41.61 -21.33 7.70
CA SER A 428 -42.46 -22.56 7.92
C SER A 428 -43.88 -22.26 8.34
N LYS B 5 -13.40 -5.54 12.67
CA LYS B 5 -12.57 -4.85 11.60
C LYS B 5 -11.63 -5.86 10.89
N ARG B 6 -11.54 -5.76 9.56
CA ARG B 6 -10.71 -6.70 8.79
C ARG B 6 -9.53 -5.97 8.12
N THR B 7 -8.33 -6.54 8.29
CA THR B 7 -7.03 -6.00 7.89
C THR B 7 -6.76 -5.87 6.38
N HIS B 18 2.02 -2.42 -4.67
CA HIS B 18 2.00 -1.85 -6.02
C HIS B 18 3.21 -0.95 -6.30
N ARG B 19 3.73 -0.19 -5.31
CA ARG B 19 4.91 0.67 -5.58
C ARG B 19 6.16 -0.28 -5.76
N ALA B 20 7.00 -0.15 -6.80
CA ALA B 20 8.09 -1.16 -6.99
C ALA B 20 8.98 -1.10 -5.73
N LYS B 21 9.42 -2.26 -5.26
CA LYS B 21 10.45 -2.36 -4.21
C LYS B 21 11.86 -1.84 -4.60
N LYS B 22 12.23 -2.03 -5.86
CA LYS B 22 13.57 -1.80 -6.31
C LYS B 22 13.41 -1.24 -7.70
N MET B 23 14.37 -0.45 -8.13
CA MET B 23 14.31 0.17 -9.48
C MET B 23 15.71 0.26 -10.03
N SER B 24 15.87 -0.11 -11.28
CA SER B 24 17.15 -0.03 -11.82
C SER B 24 17.24 1.31 -12.56
N LYS B 25 18.43 1.86 -12.71
CA LYS B 25 18.63 3.10 -13.44
C LYS B 25 19.09 2.80 -14.87
N THR B 26 18.27 3.11 -15.84
CA THR B 26 18.64 2.89 -17.25
C THR B 26 19.30 4.09 -17.99
N HIS B 27 19.10 5.35 -17.61
CA HIS B 27 19.72 6.57 -18.38
C HIS B 27 20.06 7.71 -17.42
#